data_8PPZ
#
_entry.id   8PPZ
#
_cell.length_a   39.912
_cell.length_b   64.680
_cell.length_c   93.349
_cell.angle_alpha   90.000
_cell.angle_beta   90.000
_cell.angle_gamma   90.000
#
_symmetry.space_group_name_H-M   'P 2 21 21'
#
loop_
_entity.id
_entity.type
_entity.pdbx_description
1 polymer 'Peptidyl-prolyl cis-trans isomerase FKBP1A'
2 polymer 'Serine/threonine-protein kinase mTOR'
3 non-polymer (1~{S},5~{S},6~{R})-10-[3,5-bis(chloranyl)phenyl]sulfonyl-5-[(~{E})-2-(2-chlorophenyl)ethenyl]-3-(pyridin-2-ylmethyl)-3,10-diazabicyclo[4.3.1]decan-2-one
4 non-polymer 'CALCIUM ION'
5 non-polymer 'ACETATE ION'
6 water water
#
loop_
_entity_poly.entity_id
_entity_poly.type
_entity_poly.pdbx_seq_one_letter_code
_entity_poly.pdbx_strand_id
1 'polypeptide(L)'
;GVQVETISPGDGRTFPKRGQTVVVHYTGMLEDGKKFDSSRDRNKPFKFMLGKQEVIRGWEEGVAQMSVGQRAKLTISPDY
AYGATGHPGIIPPHATLVFDVELLKLE
;
A
2 'polypeptide(L)'
;GAMDPEFMEMWHEGLEEASRLYFGERNVKGMFEVLEPLHAMMERGPQTLKETSFNQAYGRDLMEAQEWCRKYMKSGNVKD
LTQAWDLYYHVFRRISKQ
;
B
#
loop_
_chem_comp.id
_chem_comp.type
_chem_comp.name
_chem_comp.formula
0AN non-polymer (1~{S},5~{S},6~{R})-10-[3,5-bis(chloranyl)phenyl]sulfonyl-5-[(~{E})-2-(2-chlorophenyl)ethenyl]-3-(pyridin-2-ylmethyl)-3,10-diazabicyclo[4.3.1]decan-2-one 'C28 H26 Cl3 N3 O3 S'
ACT non-polymer 'ACETATE ION' 'C2 H3 O2 -1'
CA non-polymer 'CALCIUM ION' 'Ca 2'
#
# COMPACT_ATOMS: atom_id res chain seq x y z
N GLY A 1 -9.40 4.17 -15.83
CA GLY A 1 -10.42 3.48 -15.03
C GLY A 1 -10.01 2.04 -14.73
N VAL A 2 -11.01 1.19 -14.51
CA VAL A 2 -10.77 -0.22 -14.27
C VAL A 2 -11.72 -1.03 -15.15
N GLN A 3 -11.19 -2.06 -15.80
CA GLN A 3 -12.00 -3.04 -16.50
C GLN A 3 -11.94 -4.35 -15.73
N VAL A 4 -13.12 -4.96 -15.54
CA VAL A 4 -13.25 -6.27 -14.94
C VAL A 4 -13.56 -7.28 -16.03
N GLU A 5 -12.72 -8.32 -16.16
CA GLU A 5 -12.93 -9.33 -17.19
C GLU A 5 -13.07 -10.67 -16.48
N THR A 6 -14.29 -11.20 -16.45
CA THR A 6 -14.53 -12.43 -15.70
C THR A 6 -13.78 -13.61 -16.30
N ILE A 7 -13.15 -14.38 -15.41
CA ILE A 7 -12.57 -15.67 -15.71
C ILE A 7 -13.56 -16.75 -15.28
N SER A 8 -14.16 -16.60 -14.10
CA SER A 8 -15.09 -17.60 -13.59
C SER A 8 -16.17 -16.86 -12.79
N PRO A 9 -17.47 -17.08 -13.05
CA PRO A 9 -18.50 -16.23 -12.46
C PRO A 9 -18.69 -16.50 -10.97
N GLY A 10 -19.12 -15.47 -10.24
CA GLY A 10 -19.58 -15.64 -8.88
C GLY A 10 -21.04 -16.06 -8.86
N ASP A 11 -21.66 -15.95 -7.69
CA ASP A 11 -23.03 -16.39 -7.51
C ASP A 11 -24.04 -15.42 -8.13
N GLY A 12 -23.59 -14.23 -8.54
CA GLY A 12 -24.44 -13.20 -9.14
C GLY A 12 -25.44 -12.54 -8.19
N ARG A 13 -25.37 -12.90 -6.90
CA ARG A 13 -26.31 -12.39 -5.92
C ARG A 13 -25.63 -11.64 -4.78
N THR A 14 -24.41 -12.05 -4.37
CA THR A 14 -23.81 -11.53 -3.15
C THR A 14 -22.63 -10.64 -3.49
N PHE A 15 -22.84 -9.33 -3.41
CA PHE A 15 -21.84 -8.33 -3.79
C PHE A 15 -21.36 -7.56 -2.56
N PRO A 16 -20.11 -7.05 -2.60
CA PRO A 16 -19.56 -6.25 -1.51
C PRO A 16 -20.41 -5.00 -1.24
N LYS A 17 -20.66 -4.73 0.04
CA LYS A 17 -21.38 -3.54 0.49
C LYS A 17 -20.44 -2.70 1.35
N ARG A 18 -20.65 -1.38 1.29
CA ARG A 18 -19.86 -0.43 2.06
C ARG A 18 -19.79 -0.92 3.50
N GLY A 19 -18.59 -0.93 4.10
CA GLY A 19 -18.44 -1.33 5.49
C GLY A 19 -18.19 -2.81 5.66
N GLN A 20 -18.35 -3.63 4.61
CA GLN A 20 -18.03 -5.04 4.76
C GLN A 20 -16.53 -5.26 4.60
N THR A 21 -16.04 -6.32 5.25
CA THR A 21 -14.68 -6.77 5.02
C THR A 21 -14.67 -7.74 3.83
N VAL A 22 -13.94 -7.32 2.79
CA VAL A 22 -13.79 -8.10 1.56
C VAL A 22 -12.52 -8.94 1.64
N VAL A 23 -12.64 -10.24 1.40
CA VAL A 23 -11.57 -11.23 1.49
C VAL A 23 -11.31 -11.85 0.10
N VAL A 24 -10.07 -11.70 -0.41
CA VAL A 24 -9.67 -12.05 -1.76
C VAL A 24 -8.31 -12.77 -1.77
N HIS A 25 -8.05 -13.48 -2.88
CA HIS A 25 -6.69 -13.86 -3.24
C HIS A 25 -6.38 -13.15 -4.54
N TYR A 26 -5.16 -12.63 -4.66
CA TYR A 26 -4.83 -11.85 -5.84
C TYR A 26 -3.40 -12.11 -6.23
N THR A 27 -3.12 -11.84 -7.51
CA THR A 27 -1.79 -11.65 -8.00
C THR A 27 -1.76 -10.34 -8.80
N GLY A 28 -0.77 -9.50 -8.49
CA GLY A 28 -0.58 -8.24 -9.20
C GLY A 28 0.63 -8.32 -10.13
N MET A 29 0.47 -7.77 -11.34
CA MET A 29 1.50 -7.75 -12.36
C MET A 29 1.53 -6.37 -12.98
N LEU A 30 2.72 -5.97 -13.43
CA LEU A 30 2.84 -4.79 -14.29
C LEU A 30 2.29 -5.17 -15.67
N GLU A 31 1.95 -4.14 -16.46
CA GLU A 31 1.39 -4.25 -17.79
C GLU A 31 2.20 -5.18 -18.71
N ASP A 32 3.52 -5.29 -18.47
CA ASP A 32 4.38 -6.20 -19.20
C ASP A 32 4.24 -7.66 -18.77
N GLY A 33 3.67 -7.92 -17.58
CA GLY A 33 3.47 -9.28 -17.10
C GLY A 33 4.36 -9.67 -15.92
N LYS A 34 5.31 -8.83 -15.50
CA LYS A 34 6.13 -9.11 -14.33
C LYS A 34 5.26 -9.01 -13.06
N LYS A 35 5.13 -10.14 -12.35
CA LYS A 35 4.50 -10.22 -11.05
C LYS A 35 5.23 -9.32 -10.04
N PHE A 36 4.52 -8.45 -9.35
CA PHE A 36 5.15 -7.71 -8.27
C PHE A 36 4.70 -8.20 -6.88
N ASP A 37 3.54 -8.84 -6.75
CA ASP A 37 3.06 -9.35 -5.47
C ASP A 37 1.91 -10.33 -5.67
N SER A 38 1.75 -11.24 -4.71
CA SER A 38 0.62 -12.16 -4.74
C SER A 38 0.32 -12.66 -3.32
N SER A 39 -0.94 -12.58 -2.92
CA SER A 39 -1.38 -13.12 -1.63
C SER A 39 -1.26 -14.64 -1.59
N ARG A 40 -1.32 -15.28 -2.77
CA ARG A 40 -1.22 -16.73 -2.85
C ARG A 40 0.18 -17.24 -2.47
N ASP A 41 1.23 -16.49 -2.83
CA ASP A 41 2.61 -16.83 -2.45
C ASP A 41 2.85 -16.88 -0.94
N ARG A 42 2.06 -16.14 -0.15
CA ARG A 42 2.18 -16.22 1.30
C ARG A 42 1.01 -16.98 1.94
N ASN A 43 0.15 -17.57 1.12
CA ASN A 43 -1.02 -18.31 1.58
C ASN A 43 -1.82 -17.54 2.62
N LYS A 44 -2.06 -16.27 2.37
CA LYS A 44 -2.74 -15.40 3.30
C LYS A 44 -3.74 -14.57 2.51
N PRO A 45 -5.04 -14.89 2.58
CA PRO A 45 -6.05 -14.06 1.92
C PRO A 45 -5.91 -12.59 2.36
N PHE A 46 -6.09 -11.66 1.41
CA PHE A 46 -5.97 -10.26 1.67
C PHE A 46 -7.36 -9.67 1.96
N LYS A 47 -7.42 -8.81 2.98
CA LYS A 47 -8.68 -8.24 3.42
C LYS A 47 -8.67 -6.73 3.34
N PHE A 48 -9.82 -6.14 2.98
CA PHE A 48 -9.97 -4.71 3.07
C PHE A 48 -11.43 -4.34 3.28
N MET A 49 -11.65 -3.18 3.89
CA MET A 49 -13.01 -2.75 4.16
C MET A 49 -13.47 -1.83 3.03
N LEU A 50 -14.57 -2.21 2.38
CA LEU A 50 -15.07 -1.44 1.26
C LEU A 50 -15.53 -0.06 1.72
N GLY A 51 -15.13 0.95 0.95
CA GLY A 51 -15.51 2.33 1.22
C GLY A 51 -14.44 3.15 1.97
N LYS A 52 -13.45 2.47 2.56
CA LYS A 52 -12.42 3.15 3.36
C LYS A 52 -11.31 3.73 2.49
N GLN A 53 -11.28 3.36 1.20
CA GLN A 53 -10.24 3.78 0.28
C GLN A 53 -8.87 3.42 0.87
N GLU A 54 -8.80 2.24 1.52
CA GLU A 54 -7.57 1.63 2.03
C GLU A 54 -6.76 1.00 0.89
N VAL A 55 -7.42 0.76 -0.23
CA VAL A 55 -6.82 0.17 -1.40
C VAL A 55 -7.01 1.12 -2.58
N ILE A 56 -6.26 0.90 -3.67
CA ILE A 56 -6.33 1.75 -4.85
C ILE A 56 -7.75 1.79 -5.42
N ARG A 57 -8.05 2.89 -6.12
CA ARG A 57 -9.38 3.18 -6.61
C ARG A 57 -9.85 2.04 -7.51
N GLY A 58 -8.97 1.51 -8.34
CA GLY A 58 -9.36 0.43 -9.23
C GLY A 58 -9.88 -0.80 -8.50
N TRP A 59 -9.36 -1.07 -7.30
CA TRP A 59 -9.86 -2.16 -6.45
C TRP A 59 -11.22 -1.83 -5.87
N GLU A 60 -11.32 -0.65 -5.27
CA GLU A 60 -12.56 -0.19 -4.64
C GLU A 60 -13.73 -0.34 -5.61
N GLU A 61 -13.52 0.10 -6.85
CA GLU A 61 -14.58 0.07 -7.85
C GLU A 61 -14.65 -1.27 -8.56
N GLY A 62 -13.50 -1.90 -8.84
CA GLY A 62 -13.52 -3.13 -9.59
C GLY A 62 -14.06 -4.29 -8.77
N VAL A 63 -13.61 -4.43 -7.52
CA VAL A 63 -13.94 -5.61 -6.72
C VAL A 63 -15.40 -5.48 -6.29
N ALA A 64 -15.90 -4.25 -6.16
CA ALA A 64 -17.30 -4.04 -5.81
C ALA A 64 -18.23 -4.57 -6.88
N GLN A 65 -17.72 -4.77 -8.09
CA GLN A 65 -18.53 -5.25 -9.20
C GLN A 65 -18.60 -6.78 -9.20
N MET A 66 -17.80 -7.42 -8.32
CA MET A 66 -17.69 -8.87 -8.32
C MET A 66 -18.66 -9.42 -7.29
N SER A 67 -19.11 -10.66 -7.50
CA SER A 67 -19.91 -11.37 -6.50
C SER A 67 -19.12 -12.53 -5.94
N VAL A 68 -19.62 -13.09 -4.84
CA VAL A 68 -18.86 -14.11 -4.15
C VAL A 68 -18.59 -15.31 -5.06
N GLY A 69 -17.32 -15.78 -5.02
CA GLY A 69 -16.83 -16.90 -5.78
C GLY A 69 -16.19 -16.46 -7.10
N GLN A 70 -16.43 -15.22 -7.54
CA GLN A 70 -16.01 -14.79 -8.86
C GLN A 70 -14.48 -14.67 -8.92
N ARG A 71 -13.96 -15.00 -10.09
CA ARG A 71 -12.55 -14.80 -10.38
C ARG A 71 -12.46 -13.96 -11.63
N ALA A 72 -11.63 -12.93 -11.59
CA ALA A 72 -11.59 -11.98 -12.69
C ALA A 72 -10.23 -11.32 -12.78
N LYS A 73 -9.99 -10.77 -13.96
CA LYS A 73 -8.85 -9.93 -14.26
C LYS A 73 -9.28 -8.47 -14.20
N LEU A 74 -8.62 -7.70 -13.33
CA LEU A 74 -8.78 -6.25 -13.23
C LEU A 74 -7.61 -5.54 -13.93
N THR A 75 -7.90 -4.70 -14.93
CA THR A 75 -6.91 -3.88 -15.59
C THR A 75 -7.15 -2.43 -15.15
N ILE A 76 -6.11 -1.83 -14.53
CA ILE A 76 -6.23 -0.60 -13.78
C ILE A 76 -5.23 0.42 -14.33
N SER A 77 -5.77 1.50 -14.84
CA SER A 77 -4.95 2.58 -15.37
C SER A 77 -4.27 3.29 -14.19
N PRO A 78 -3.12 3.96 -14.43
CA PRO A 78 -2.32 4.54 -13.37
C PRO A 78 -3.11 5.46 -12.46
N ASP A 79 -4.05 6.22 -13.06
CA ASP A 79 -4.81 7.19 -12.32
C ASP A 79 -5.72 6.47 -11.33
N TYR A 80 -6.04 5.20 -11.57
CA TYR A 80 -6.82 4.43 -10.60
C TYR A 80 -5.93 3.52 -9.75
N ALA A 81 -4.60 3.76 -9.80
CA ALA A 81 -3.62 2.99 -9.06
C ALA A 81 -2.68 3.95 -8.34
N TYR A 82 -1.38 3.95 -8.66
CA TYR A 82 -0.40 4.73 -7.90
C TYR A 82 0.07 5.96 -8.70
N GLY A 83 -0.55 6.17 -9.88
CA GLY A 83 -0.48 7.43 -10.60
C GLY A 83 0.95 7.78 -10.99
N ALA A 84 1.19 9.11 -11.04
CA ALA A 84 2.47 9.68 -11.43
C ALA A 84 3.54 9.35 -10.40
N THR A 85 3.16 9.24 -9.12
CA THR A 85 4.13 8.94 -8.07
C THR A 85 4.66 7.52 -8.18
N GLY A 86 3.84 6.56 -8.59
CA GLY A 86 4.20 5.17 -8.36
C GLY A 86 4.23 4.88 -6.85
N HIS A 87 4.69 3.70 -6.48
CA HIS A 87 5.02 3.41 -5.10
C HIS A 87 6.49 3.03 -5.12
N PRO A 88 7.33 3.67 -4.30
CA PRO A 88 8.77 3.46 -4.43
C PRO A 88 9.07 2.01 -4.10
N GLY A 89 10.09 1.47 -4.77
CA GLY A 89 10.56 0.12 -4.51
C GLY A 89 9.77 -0.97 -5.23
N ILE A 90 8.62 -0.67 -5.90
CA ILE A 90 7.80 -1.77 -6.42
C ILE A 90 6.96 -1.35 -7.63
N ILE A 91 6.31 -0.18 -7.60
CA ILE A 91 5.45 0.21 -8.69
C ILE A 91 6.05 1.46 -9.33
N PRO A 92 6.50 1.42 -10.59
CA PRO A 92 7.01 2.61 -11.26
C PRO A 92 5.96 3.70 -11.47
N PRO A 93 6.37 4.96 -11.70
CA PRO A 93 5.45 5.99 -12.14
C PRO A 93 4.67 5.56 -13.38
N HIS A 94 3.42 6.02 -13.49
CA HIS A 94 2.59 5.85 -14.65
C HIS A 94 2.41 4.38 -15.00
N ALA A 95 2.22 3.51 -13.99
CA ALA A 95 2.10 2.08 -14.26
C ALA A 95 0.64 1.65 -14.37
N THR A 96 0.29 1.03 -15.50
CA THR A 96 -0.93 0.24 -15.59
C THR A 96 -0.72 -1.07 -14.81
N LEU A 97 -1.69 -1.43 -13.97
CA LEU A 97 -1.61 -2.67 -13.22
C LEU A 97 -2.67 -3.66 -13.71
N VAL A 98 -2.30 -4.93 -13.63
CA VAL A 98 -3.21 -5.99 -13.97
C VAL A 98 -3.27 -6.95 -12.81
N PHE A 99 -4.47 -7.20 -12.28
CA PHE A 99 -4.60 -8.14 -11.18
C PHE A 99 -5.50 -9.30 -11.55
N ASP A 100 -5.12 -10.50 -11.09
CA ASP A 100 -6.06 -11.60 -11.03
C ASP A 100 -6.63 -11.61 -9.63
N VAL A 101 -7.97 -11.50 -9.51
CA VAL A 101 -8.65 -11.42 -8.22
C VAL A 101 -9.73 -12.50 -8.10
N GLU A 102 -9.72 -13.14 -6.95
CA GLU A 102 -10.76 -14.07 -6.59
C GLU A 102 -11.43 -13.58 -5.30
N LEU A 103 -12.73 -13.30 -5.39
CA LEU A 103 -13.52 -12.88 -4.25
C LEU A 103 -13.96 -14.13 -3.50
N LEU A 104 -13.32 -14.34 -2.35
CA LEU A 104 -13.49 -15.55 -1.58
C LEU A 104 -14.72 -15.46 -0.68
N LYS A 105 -14.87 -14.31 0.01
CA LYS A 105 -15.97 -14.14 0.96
C LYS A 105 -16.03 -12.69 1.44
N LEU A 106 -17.15 -12.38 2.12
CA LEU A 106 -17.43 -11.10 2.73
C LEU A 106 -17.65 -11.33 4.21
N GLU A 107 -17.07 -10.50 5.09
CA GLU A 107 -17.29 -10.68 6.51
C GLU A 107 -17.46 -9.32 7.21
N MET B 3 7.28 23.79 5.02
CA MET B 3 7.85 22.41 4.94
C MET B 3 9.38 22.51 4.86
N ASP B 4 10.07 22.14 5.96
CA ASP B 4 11.52 22.13 6.06
C ASP B 4 12.10 21.32 4.90
N PRO B 5 12.88 21.95 3.99
CA PRO B 5 13.45 21.24 2.84
C PRO B 5 14.28 20.01 3.21
N GLU B 6 15.02 20.07 4.33
CA GLU B 6 15.92 19.00 4.75
C GLU B 6 15.16 17.81 5.34
N PHE B 7 14.09 18.05 6.10
CA PHE B 7 13.25 16.97 6.59
C PHE B 7 12.54 16.30 5.40
N MET B 8 12.05 17.10 4.46
CA MET B 8 11.43 16.57 3.26
C MET B 8 12.41 15.67 2.50
N GLU B 9 13.62 16.18 2.28
CA GLU B 9 14.63 15.46 1.52
C GLU B 9 15.02 14.16 2.23
N MET B 10 15.22 14.21 3.54
CA MET B 10 15.79 13.04 4.20
C MET B 10 14.74 11.91 4.24
N TRP B 11 13.45 12.26 4.40
CA TRP B 11 12.38 11.27 4.34
C TRP B 11 12.08 10.81 2.91
N HIS B 12 12.13 11.72 1.93
CA HIS B 12 11.98 11.29 0.56
C HIS B 12 13.01 10.21 0.21
N GLU B 13 14.30 10.52 0.40
CA GLU B 13 15.36 9.62 0.01
C GLU B 13 15.36 8.37 0.89
N GLY B 14 15.11 8.56 2.19
CA GLY B 14 15.04 7.47 3.15
C GLY B 14 14.00 6.41 2.75
N LEU B 15 12.81 6.87 2.33
CA LEU B 15 11.69 5.98 2.05
C LEU B 15 11.93 5.30 0.70
N GLU B 16 12.59 6.00 -0.23
CA GLU B 16 13.01 5.37 -1.47
C GLU B 16 13.94 4.20 -1.17
N GLU B 17 14.91 4.42 -0.27
CA GLU B 17 15.86 3.38 0.06
C GLU B 17 15.17 2.24 0.82
N ALA B 18 14.40 2.55 1.88
CA ALA B 18 13.71 1.57 2.72
C ALA B 18 12.80 0.69 1.87
N SER B 19 12.07 1.32 0.92
CA SER B 19 11.17 0.57 0.07
C SER B 19 11.92 -0.34 -0.90
N ARG B 20 13.04 0.13 -1.47
CA ARG B 20 13.86 -0.74 -2.33
C ARG B 20 14.33 -1.97 -1.55
N LEU B 21 14.80 -1.77 -0.32
CA LEU B 21 15.34 -2.85 0.49
C LEU B 21 14.23 -3.87 0.83
N TYR B 22 13.04 -3.36 1.19
CA TYR B 22 11.95 -4.24 1.59
C TYR B 22 11.36 -4.97 0.37
N PHE B 23 10.75 -4.25 -0.57
CA PHE B 23 10.02 -4.86 -1.66
C PHE B 23 10.97 -5.48 -2.69
N GLY B 24 12.04 -4.75 -3.04
CA GLY B 24 12.98 -5.19 -4.07
C GLY B 24 13.98 -6.22 -3.58
N GLU B 25 14.56 -6.04 -2.39
CA GLU B 25 15.61 -6.96 -1.97
C GLU B 25 15.17 -7.87 -0.83
N ARG B 26 13.89 -7.82 -0.44
CA ARG B 26 13.34 -8.77 0.52
C ARG B 26 14.12 -8.70 1.82
N ASN B 27 14.42 -7.45 2.22
CA ASN B 27 15.26 -7.21 3.36
C ASN B 27 14.56 -6.27 4.33
N VAL B 28 13.80 -6.85 5.26
CA VAL B 28 13.01 -6.07 6.19
C VAL B 28 13.91 -5.47 7.27
N LYS B 29 14.98 -6.15 7.67
CA LYS B 29 15.87 -5.58 8.68
C LYS B 29 16.54 -4.31 8.11
N GLY B 30 16.98 -4.38 6.87
CA GLY B 30 17.58 -3.25 6.17
C GLY B 30 16.63 -2.06 6.07
N MET B 31 15.36 -2.33 5.72
CA MET B 31 14.32 -1.33 5.69
C MET B 31 14.24 -0.63 7.07
N PHE B 32 14.10 -1.39 8.16
CA PHE B 32 13.97 -0.82 9.49
C PHE B 32 15.21 0.01 9.89
N GLU B 33 16.40 -0.47 9.55
CA GLU B 33 17.66 0.22 9.85
C GLU B 33 17.74 1.59 9.18
N VAL B 34 17.33 1.70 7.93
CA VAL B 34 17.36 2.99 7.27
C VAL B 34 16.39 3.96 7.95
N LEU B 35 15.23 3.48 8.38
CA LEU B 35 14.19 4.38 8.86
C LEU B 35 14.37 4.75 10.32
N GLU B 36 14.93 3.86 11.15
CA GLU B 36 15.06 4.12 12.59
C GLU B 36 15.72 5.49 12.87
N PRO B 37 16.88 5.84 12.28
CA PRO B 37 17.46 7.16 12.54
C PRO B 37 16.65 8.35 12.04
N LEU B 38 15.82 8.17 11.01
CA LEU B 38 14.94 9.23 10.57
C LEU B 38 13.88 9.48 11.64
N HIS B 39 13.30 8.41 12.21
CA HIS B 39 12.34 8.56 13.30
C HIS B 39 13.03 9.22 14.49
N ALA B 40 14.24 8.78 14.85
CA ALA B 40 14.90 9.31 16.03
C ALA B 40 15.13 10.82 15.85
N MET B 41 15.28 11.25 14.59
CA MET B 41 15.52 12.64 14.29
C MET B 41 14.27 13.45 14.58
N MET B 42 13.11 12.83 14.45
CA MET B 42 11.85 13.53 14.68
C MET B 42 11.61 13.71 16.17
N GLU B 43 12.12 12.77 16.97
CA GLU B 43 11.92 12.73 18.42
C GLU B 43 12.61 13.92 19.07
N ARG B 44 13.75 14.28 18.49
CA ARG B 44 14.54 15.41 18.96
C ARG B 44 13.70 16.68 18.89
N GLY B 45 12.58 16.64 18.16
CA GLY B 45 11.57 17.69 18.21
C GLY B 45 11.92 18.85 17.27
N PRO B 46 10.92 19.60 16.73
CA PRO B 46 11.20 20.71 15.81
C PRO B 46 12.10 21.83 16.34
N GLN B 47 12.36 22.82 15.46
CA GLN B 47 13.22 23.96 15.74
C GLN B 47 12.82 25.12 14.84
N THR B 48 13.04 25.03 13.51
CA THR B 48 12.65 26.11 12.61
C THR B 48 11.13 26.24 12.63
N LEU B 49 10.62 27.28 11.96
CA LEU B 49 9.19 27.37 11.68
C LEU B 49 8.82 26.28 10.69
N LYS B 50 9.76 25.92 9.78
CA LYS B 50 9.51 24.96 8.73
C LYS B 50 9.56 23.54 9.30
N GLU B 51 10.45 23.30 10.27
CA GLU B 51 10.53 22.02 10.97
C GLU B 51 9.20 21.74 11.70
N THR B 52 8.63 22.78 12.32
CA THR B 52 7.35 22.70 13.03
C THR B 52 6.21 22.40 12.05
N SER B 53 6.25 23.08 10.89
CA SER B 53 5.25 22.85 9.87
C SER B 53 5.31 21.41 9.36
N PHE B 54 6.52 20.87 9.21
CA PHE B 54 6.68 19.49 8.75
C PHE B 54 6.05 18.56 9.78
N ASN B 55 6.28 18.83 11.07
CA ASN B 55 5.83 17.94 12.12
C ASN B 55 4.31 17.91 12.19
N GLN B 56 3.67 19.05 11.91
CA GLN B 56 2.24 19.20 12.01
C GLN B 56 1.56 18.46 10.86
N ALA B 57 2.24 18.42 9.71
CA ALA B 57 1.67 17.78 8.54
C ALA B 57 1.87 16.26 8.59
N TYR B 58 3.05 15.80 9.03
CA TYR B 58 3.46 14.42 8.80
C TYR B 58 3.89 13.67 10.06
N GLY B 59 4.11 14.39 11.17
CA GLY B 59 4.84 13.82 12.30
C GLY B 59 4.09 12.71 13.02
N ARG B 60 2.79 12.90 13.24
CA ARG B 60 1.96 11.88 13.86
C ARG B 60 1.81 10.65 12.96
N ASP B 61 1.66 10.85 11.64
CA ASP B 61 1.58 9.73 10.69
C ASP B 61 2.89 8.92 10.73
N LEU B 62 4.06 9.59 10.77
CA LEU B 62 5.35 8.93 10.85
C LEU B 62 5.54 8.18 12.16
N MET B 63 5.22 8.81 13.29
CA MET B 63 5.26 8.12 14.56
C MET B 63 4.41 6.86 14.51
N GLU B 64 3.21 6.93 13.90
CA GLU B 64 2.35 5.74 13.92
C GLU B 64 2.93 4.66 13.00
N ALA B 65 3.52 5.06 11.87
CA ALA B 65 4.16 4.09 10.98
C ALA B 65 5.25 3.29 11.72
N GLN B 66 6.08 3.97 12.52
CA GLN B 66 7.09 3.29 13.30
C GLN B 66 6.42 2.30 14.27
N GLU B 67 5.31 2.70 14.89
CA GLU B 67 4.62 1.81 15.83
C GLU B 67 4.21 0.52 15.14
N TRP B 68 3.63 0.63 13.93
CA TRP B 68 3.25 -0.54 13.14
C TRP B 68 4.48 -1.40 12.80
N CYS B 69 5.62 -0.78 12.49
CA CYS B 69 6.84 -1.56 12.27
C CYS B 69 7.23 -2.32 13.51
N ARG B 70 7.27 -1.62 14.65
CA ARG B 70 7.62 -2.27 15.89
C ARG B 70 6.67 -3.44 16.15
N LYS B 71 5.39 -3.27 15.79
CA LYS B 71 4.45 -4.36 16.01
C LYS B 71 4.81 -5.56 15.13
N TYR B 72 5.19 -5.26 13.87
CA TYR B 72 5.59 -6.29 12.92
C TYR B 72 6.75 -7.10 13.50
N MET B 73 7.65 -6.42 14.22
CA MET B 73 8.82 -7.06 14.82
C MET B 73 8.42 -8.14 15.82
N LYS B 74 7.30 -8.00 16.51
CA LYS B 74 6.81 -9.04 17.40
C LYS B 74 5.83 -10.00 16.72
N SER B 75 5.00 -9.49 15.80
CA SER B 75 3.90 -10.25 15.22
C SER B 75 4.38 -11.09 14.02
N GLY B 76 5.21 -10.53 13.14
CA GLY B 76 5.44 -11.14 11.85
C GLY B 76 4.21 -11.14 10.94
N ASN B 77 3.19 -10.33 11.26
CA ASN B 77 1.98 -10.29 10.43
C ASN B 77 2.16 -9.18 9.40
N VAL B 78 2.15 -9.52 8.10
CA VAL B 78 2.37 -8.49 7.08
C VAL B 78 1.29 -7.41 7.08
N LYS B 79 0.12 -7.71 7.64
CA LYS B 79 -0.94 -6.71 7.75
C LYS B 79 -0.45 -5.47 8.51
N ASP B 80 0.36 -5.70 9.56
CA ASP B 80 0.96 -4.64 10.36
C ASP B 80 1.97 -3.83 9.53
N LEU B 81 2.77 -4.52 8.72
CA LEU B 81 3.74 -3.86 7.86
C LEU B 81 3.04 -3.06 6.76
N THR B 82 1.87 -3.54 6.32
CA THR B 82 1.08 -2.85 5.32
C THR B 82 0.57 -1.53 5.90
N GLN B 83 0.10 -1.57 7.14
CA GLN B 83 -0.34 -0.36 7.82
C GLN B 83 0.77 0.67 7.84
N ALA B 84 1.99 0.21 8.16
CA ALA B 84 3.14 1.08 8.21
C ALA B 84 3.36 1.74 6.85
N TRP B 85 3.38 0.94 5.78
CA TRP B 85 3.60 1.46 4.44
C TRP B 85 2.47 2.37 4.00
N ASP B 86 1.25 2.13 4.50
CA ASP B 86 0.13 2.98 4.13
C ASP B 86 0.44 4.41 4.59
N LEU B 87 0.91 4.51 5.84
CA LEU B 87 1.30 5.77 6.45
C LEU B 87 2.55 6.35 5.79
N TYR B 88 3.61 5.54 5.66
CA TYR B 88 4.79 6.03 4.97
C TYR B 88 4.45 6.56 3.58
N TYR B 89 3.59 5.85 2.82
CA TYR B 89 3.30 6.24 1.45
C TYR B 89 2.45 7.51 1.43
N HIS B 90 1.52 7.60 2.38
CA HIS B 90 0.72 8.81 2.51
C HIS B 90 1.63 10.05 2.62
N VAL B 91 2.69 9.97 3.44
CA VAL B 91 3.65 11.06 3.63
C VAL B 91 4.51 11.22 2.37
N PHE B 92 5.10 10.11 1.89
CA PHE B 92 5.98 10.12 0.73
C PHE B 92 5.36 10.88 -0.44
N ARG B 93 4.13 10.51 -0.77
CA ARG B 93 3.39 11.07 -1.88
C ARG B 93 3.19 12.58 -1.74
N ARG B 94 3.07 13.11 -0.51
CA ARG B 94 2.78 14.51 -0.30
C ARG B 94 4.10 15.32 -0.32
N ILE B 95 5.23 14.70 -0.02
CA ILE B 95 6.50 15.42 0.01
C ILE B 95 7.27 15.27 -1.30
N SER B 96 6.64 14.79 -2.39
CA SER B 96 7.39 14.47 -3.60
C SER B 96 6.86 15.25 -4.82
CLBF 0AN C . 2.53 -2.84 1.49
CBA 0AN C . 2.39 -4.55 1.59
CBB 0AN C . 3.40 -5.28 2.19
CBC 0AN C . 3.31 -6.66 2.29
CBD 0AN C . 2.25 -7.34 1.77
CBE 0AN C . 1.24 -6.62 1.14
CAZ 0AN C . 1.29 -5.22 1.07
CAW 0AN C . 0.34 -4.44 0.43
CAV 0AN C . -0.95 -4.92 -0.13
CAH 0AN C . -1.98 -4.00 -0.89
CAI 0AN C . -1.49 -2.65 -0.98
NAJ 0AN C . -2.53 -1.69 -1.34
CAX 0AN C . -2.84 -0.54 -0.41
CBG 0AN C . -1.51 0.10 -0.03
NBH 0AN C . -0.78 0.69 -1.03
CBI 0AN C . 0.46 1.18 -0.67
CBJ 0AN C . 0.96 1.14 0.65
CBK 0AN C . 0.21 0.49 1.61
CBL 0AN C . -1.05 -0.01 1.29
C 0AN C . -3.23 -1.75 -2.51
O 0AN C . -4.08 -0.85 -2.74
CA 0AN C . -3.02 -2.70 -3.55
CB 0AN C . -4.26 -3.50 -3.93
CAA 0AN C . -4.67 -4.51 -2.76
CAB 0AN C . -3.44 -5.40 -2.42
CAC 0AN C . -2.11 -4.64 -2.28
N 0AN C . -2.06 -3.79 -3.49
SAL 0AN C . -0.83 -4.03 -4.54
OAM 0AN C . -0.86 -5.51 -4.86
OAN 0AN C . -0.91 -2.97 -5.60
CAO 0AN C . 0.71 -3.76 -3.68
CAP 0AN C . 1.14 -2.47 -3.52
CAQ 0AN C . 2.32 -2.20 -2.83
CLAU 0AN C . 2.81 -0.61 -2.65
CAR 0AN C . 3.06 -3.22 -2.28
CAS 0AN C . 2.61 -4.54 -2.46
CLAY 0AN C . 3.54 -5.83 -1.86
CAT 0AN C . 1.45 -4.82 -3.16
HBB 0AN C . 4.26 -4.75 2.62
HBC 0AN C . 4.12 -7.21 2.78
HBD 0AN C . 2.19 -8.42 1.84
HBE 0AN C . 0.38 -7.16 0.74
HAW 0AN C . 0.59 -3.41 0.25
HAV 0AN C . -1.21 -5.96 0.01
HAH 0AN C . -2.94 -4.02 -0.38
HB3 0AN C . -0.81 -2.49 -1.74
HAI 0AN C . -1.18 -2.31 -0.06
HAX 0AN C . -3.33 -0.89 0.50
HB4 0AN C . -3.45 0.23 -0.87
HBI 0AN C . 1.04 1.68 -1.45
HBJ 0AN C . 1.93 1.56 0.89
HBK 0AN C . 0.58 0.45 2.64
HBL 0AN C . -1.65 -0.51 2.05
HA 0AN C . -2.77 -2.11 -4.44
HB2 0AN C . -4.06 -4.07 -4.82
HB1 0AN C . -5.09 -2.82 -4.11
HAA 0AN C . -5.34 -5.26 -3.02
HAB 0AN C . -4.84 -4.06 -1.83
HAC 0AN C . -3.33 -6.12 -3.21
HAD 0AN C . -3.63 -5.93 -1.49
HAE 0AN C . -1.31 -5.37 -2.38
HAP 0AN C . 0.56 -1.65 -3.91
HAR 0AN C . 3.99 -3.01 -1.77
HAT 0AN C . 1.11 -5.84 -3.27
CA CA D . -3.52 3.38 -1.67
C ACT E . -4.88 8.86 16.52
O ACT E . -3.91 9.58 16.14
OXT ACT E . -5.31 7.88 15.87
CH3 ACT E . -5.54 9.19 17.84
H1 ACT E . -6.49 8.95 17.80
H2 ACT E . -5.46 10.14 18.03
H3 ACT E . -5.13 8.68 18.56
CA CA F . -4.84 8.43 10.97
CA CA G . -3.79 12.71 12.45
CA CA H . -3.64 -5.04 4.89
#